data_5ZCE
#
_entry.id   5ZCE
#
_cell.length_a   54.989
_cell.length_b   84.549
_cell.length_c   128.715
_cell.angle_alpha   90.00
_cell.angle_beta   90.00
_cell.angle_gamma   90.00
#
_symmetry.space_group_name_H-M   'P 21 21 21'
#
loop_
_entity.id
_entity.type
_entity.pdbx_description
1 polymer Alpha-glucosidase
2 branched alpha-D-glucopyranose-(1-4)-alpha-D-glucopyranose-(1-4)-alpha-D-glucopyranose-(1-4)-alpha-D-glucopyranose
3 non-polymer 'CALCIUM ION'
4 water water
#
_entity_poly.entity_id   1
_entity_poly.type   'polypeptide(L)'
_entity_poly.pdbx_seq_one_letter_code
;MEKKWWKEAVAYQIYPRSFMDSNGDGIGDIQGVISKLDYLSDLGIDVIWICPIYQSPNDDNGYDISDYKDIMKDFGTMED
FDELLDEVHHRGMKLIMDLVINHTSDEHPWFLESRSAKENPYRDYYIWHEGKDGKEPNNWESIFSGSAWEFDEKTKEYYM
HVFSKKQPDLNWENEKVRHELYEMVNWWLDKGIDGFRVDAISHIKKVAGFPDLPNPEKLDYVPSFEGHMNRPGIQEHLKE
LKEKTFAKYDIMTVGQANGVTSDSADEWVAEDGGNFNMIFQFEHMGLWDKGEEKPLDLIELKTILTNWQNGLEKINGWNA
LYLENHDQIRSVNKFGSTAYRVESAKCLAALYFLMKGTPFIYQGQELGMTNVKFDSIDDYDDVGMINYYRIQREKGDSHD
EIMKVIWETGRDNSRTPMQWNTEKNAGFSTGNPWMKVNPNYVDINVEEQKSDKNSVLNFYKQLIKIRKQHDVLVYGTYKL
LAEEDSAIYAYTRTLEGKTAVVICNMSPNNQTFEFPSESSFTNIEVLIHNYPLDKNETLEQCTLHPYETRVYLIS
;
_entity_poly.pdbx_strand_id   A
#
# COMPACT_ATOMS: atom_id res chain seq x y z
N LYS A 4 -2.12 18.19 -10.71
CA LYS A 4 -2.95 17.72 -11.82
C LYS A 4 -2.31 16.61 -12.64
N TRP A 5 -1.01 16.75 -12.93
CA TRP A 5 -0.32 15.61 -13.49
C TRP A 5 -0.47 14.40 -12.59
N TRP A 6 -0.52 14.62 -11.27
CA TRP A 6 -0.69 13.47 -10.39
C TRP A 6 -2.12 12.95 -10.39
N LYS A 7 -3.10 13.77 -10.78
CA LYS A 7 -4.46 13.27 -10.94
C LYS A 7 -4.55 12.30 -12.11
N GLU A 8 -3.81 12.58 -13.19
CA GLU A 8 -3.84 11.78 -14.41
C GLU A 8 -2.86 10.62 -14.37
N ALA A 9 -1.98 10.60 -13.38
CA ALA A 9 -0.96 9.56 -13.30
C ALA A 9 -1.55 8.20 -12.96
N VAL A 10 -0.88 7.16 -13.45
CA VAL A 10 -0.99 5.80 -12.93
C VAL A 10 0.31 5.46 -12.21
N ALA A 11 0.20 4.96 -10.98
CA ALA A 11 1.38 4.70 -10.17
C ALA A 11 1.61 3.20 -10.01
N TYR A 12 2.88 2.84 -9.89
CA TYR A 12 3.30 1.46 -9.68
C TYR A 12 4.15 1.40 -8.44
N GLN A 13 3.84 0.46 -7.54
CA GLN A 13 4.57 0.34 -6.29
C GLN A 13 5.57 -0.81 -6.36
N ILE A 14 6.86 -0.50 -6.13
CA ILE A 14 7.93 -1.49 -6.12
C ILE A 14 8.29 -1.81 -4.68
N TYR A 15 8.39 -3.10 -4.38
CA TYR A 15 8.98 -3.63 -3.15
C TYR A 15 10.38 -4.10 -3.51
N PRO A 16 11.40 -3.24 -3.37
CA PRO A 16 12.68 -3.53 -4.04
C PRO A 16 13.34 -4.82 -3.58
N ARG A 17 13.13 -5.24 -2.32
CA ARG A 17 13.75 -6.48 -1.87
C ARG A 17 13.30 -7.67 -2.72
N SER A 18 12.13 -7.59 -3.33
CA SER A 18 11.56 -8.70 -4.10
C SER A 18 11.30 -8.37 -5.56
N PHE A 19 11.82 -7.27 -6.10
CA PHE A 19 11.51 -6.94 -7.50
C PHE A 19 12.50 -7.62 -8.45
N MET A 20 13.79 -7.29 -8.36
CA MET A 20 14.76 -7.93 -9.24
C MET A 20 16.14 -7.93 -8.59
N ASP A 21 16.75 -9.12 -8.50
CA ASP A 21 18.10 -9.27 -7.98
C ASP A 21 19.09 -9.31 -9.14
N SER A 22 19.99 -8.32 -9.20
CA SER A 22 20.93 -8.22 -10.31
C SER A 22 22.27 -8.90 -10.04
N ASN A 23 22.54 -9.34 -8.81
CA ASN A 23 23.90 -9.80 -8.54
C ASN A 23 23.95 -11.08 -7.72
N GLY A 24 22.85 -11.82 -7.61
CA GLY A 24 22.92 -13.23 -7.23
C GLY A 24 22.95 -13.54 -5.76
N ASP A 25 22.67 -12.58 -4.88
CA ASP A 25 22.63 -12.85 -3.45
C ASP A 25 21.22 -13.16 -2.96
N GLY A 26 20.24 -13.23 -3.86
CA GLY A 26 18.89 -13.51 -3.47
C GLY A 26 18.10 -12.32 -2.99
N ILE A 27 18.68 -11.12 -3.02
CA ILE A 27 18.03 -9.92 -2.52
C ILE A 27 17.87 -8.95 -3.68
N GLY A 28 16.66 -8.43 -3.84
CA GLY A 28 16.45 -7.42 -4.88
C GLY A 28 17.29 -6.17 -4.63
N ASP A 29 17.58 -5.44 -5.71
CA ASP A 29 18.43 -4.26 -5.58
C ASP A 29 18.09 -3.22 -6.64
N ILE A 30 18.77 -2.06 -6.53
CA ILE A 30 18.46 -0.92 -7.37
C ILE A 30 18.82 -1.20 -8.83
N GLN A 31 19.99 -1.79 -9.07
CA GLN A 31 20.34 -2.15 -10.45
C GLN A 31 19.35 -3.15 -11.04
N GLY A 32 18.77 -4.01 -10.19
CA GLY A 32 17.65 -4.83 -10.64
C GLY A 32 16.48 -4.00 -11.14
N VAL A 33 16.05 -3.01 -10.35
CA VAL A 33 14.98 -2.12 -10.79
C VAL A 33 15.34 -1.47 -12.13
N ILE A 34 16.55 -0.90 -12.22
CA ILE A 34 16.96 -0.24 -13.45
C ILE A 34 16.82 -1.17 -14.65
N SER A 35 17.21 -2.44 -14.48
CA SER A 35 17.18 -3.39 -15.58
C SER A 35 15.77 -3.71 -16.07
N LYS A 36 14.74 -3.38 -15.29
CA LYS A 36 13.35 -3.66 -15.66
C LYS A 36 12.55 -2.39 -15.91
N LEU A 37 13.21 -1.25 -16.10
CA LEU A 37 12.43 -0.04 -16.35
C LEU A 37 11.70 -0.09 -17.70
N ASP A 38 12.24 -0.82 -18.69
CA ASP A 38 11.51 -1.02 -19.94
C ASP A 38 10.13 -1.62 -19.68
N TYR A 39 10.07 -2.61 -18.79
CA TYR A 39 8.80 -3.24 -18.45
C TYR A 39 7.80 -2.20 -17.95
N LEU A 40 8.24 -1.34 -17.03
CA LEU A 40 7.30 -0.39 -16.44
C LEU A 40 6.91 0.70 -17.44
N SER A 41 7.87 1.17 -18.24
CA SER A 41 7.55 2.17 -19.25
C SER A 41 6.56 1.62 -20.27
N ASP A 42 6.80 0.39 -20.74
CA ASP A 42 5.90 -0.24 -21.71
C ASP A 42 4.52 -0.48 -21.12
N LEU A 43 4.44 -0.79 -19.83
CA LEU A 43 3.15 -0.96 -19.18
C LEU A 43 2.33 0.33 -19.24
N GLY A 44 3.00 1.48 -19.27
CA GLY A 44 2.32 2.77 -19.29
C GLY A 44 2.36 3.51 -17.97
N ILE A 45 3.15 3.04 -17.00
CA ILE A 45 3.24 3.65 -15.69
C ILE A 45 3.75 5.09 -15.79
N ASP A 46 3.17 5.99 -15.01
CA ASP A 46 3.62 7.38 -14.94
C ASP A 46 4.51 7.67 -13.72
N VAL A 47 4.20 7.05 -12.58
CA VAL A 47 4.86 7.33 -11.30
C VAL A 47 5.24 6.00 -10.67
N ILE A 48 6.47 5.90 -10.21
CA ILE A 48 6.95 4.74 -9.46
C ILE A 48 7.08 5.15 -7.99
N TRP A 49 6.39 4.45 -7.12
CA TRP A 49 6.66 4.56 -5.69
C TRP A 49 7.55 3.39 -5.30
N ILE A 50 8.74 3.68 -4.80
CA ILE A 50 9.64 2.63 -4.34
C ILE A 50 9.61 2.61 -2.81
N CYS A 51 9.43 1.42 -2.25
CA CYS A 51 9.49 1.22 -0.81
C CYS A 51 10.88 1.60 -0.29
N PRO A 52 11.07 1.68 1.03
CA PRO A 52 12.30 2.29 1.55
C PRO A 52 13.57 1.60 1.03
N ILE A 53 14.55 2.43 0.67
CA ILE A 53 15.84 1.97 0.15
C ILE A 53 16.99 2.55 0.95
N TYR A 54 16.71 2.99 2.18
CA TYR A 54 17.69 3.66 3.02
C TYR A 54 18.42 2.65 3.90
N GLN A 55 19.56 3.09 4.43
CA GLN A 55 20.30 2.28 5.40
C GLN A 55 19.37 1.78 6.50
N SER A 56 19.41 0.47 6.74
CA SER A 56 18.44 -0.18 7.61
C SER A 56 18.95 -1.54 8.07
N PRO A 57 18.82 -1.87 9.36
CA PRO A 57 19.09 -3.26 9.79
C PRO A 57 18.09 -4.27 9.25
N ASN A 58 16.98 -3.81 8.66
CA ASN A 58 15.94 -4.65 8.05
C ASN A 58 15.22 -5.53 9.07
N ASP A 59 15.08 -5.05 10.31
CA ASP A 59 14.13 -5.68 11.22
C ASP A 59 12.72 -5.58 10.68
N ASP A 60 12.42 -4.50 9.95
CA ASP A 60 11.15 -4.32 9.27
C ASP A 60 11.39 -3.96 7.80
N ASN A 61 12.36 -4.65 7.16
CA ASN A 61 12.64 -4.56 5.74
C ASN A 61 12.56 -3.12 5.23
N GLY A 62 13.44 -2.29 5.77
CA GLY A 62 13.61 -0.93 5.31
C GLY A 62 12.82 0.11 6.07
N TYR A 63 11.77 -0.29 6.78
CA TYR A 63 11.00 0.69 7.55
C TYR A 63 11.62 0.99 8.91
N ASP A 64 12.80 0.42 9.20
CA ASP A 64 13.61 0.76 10.38
C ASP A 64 14.91 1.36 9.85
N ILE A 65 14.97 2.70 9.79
CA ILE A 65 16.02 3.42 9.06
C ILE A 65 17.08 3.92 10.04
N SER A 66 18.34 3.61 9.73
CA SER A 66 19.44 4.09 10.56
C SER A 66 20.24 5.23 9.92
N ASP A 67 19.95 5.57 8.67
CA ASP A 67 20.54 6.76 8.04
C ASP A 67 19.60 7.16 6.91
N TYR A 68 18.93 8.31 7.09
CA TYR A 68 17.97 8.79 6.10
C TYR A 68 18.63 9.22 4.80
N LYS A 69 19.95 9.44 4.81
CA LYS A 69 20.61 10.04 3.64
C LYS A 69 21.60 9.09 2.99
N ASP A 70 21.52 7.80 3.29
CA ASP A 70 22.40 6.79 2.76
C ASP A 70 21.56 5.61 2.28
N ILE A 71 22.04 4.96 1.24
CA ILE A 71 21.31 3.87 0.60
C ILE A 71 21.59 2.56 1.34
N MET A 72 20.57 1.71 1.41
CA MET A 72 20.72 0.39 2.03
C MET A 72 21.80 -0.41 1.29
N LYS A 73 22.75 -0.95 2.04
CA LYS A 73 23.85 -1.70 1.44
C LYS A 73 23.35 -2.82 0.53
N ASP A 74 22.30 -3.54 0.96
CA ASP A 74 21.73 -4.60 0.14
C ASP A 74 21.33 -4.10 -1.25
N PHE A 75 20.91 -2.84 -1.34
CA PHE A 75 20.30 -2.34 -2.57
C PHE A 75 21.29 -1.61 -3.46
N GLY A 76 22.43 -1.18 -2.95
CA GLY A 76 23.39 -0.48 -3.76
C GLY A 76 23.93 0.74 -3.04
N THR A 77 24.30 1.76 -3.81
CA THR A 77 24.90 2.98 -3.29
C THR A 77 24.10 4.18 -3.74
N MET A 78 24.49 5.35 -3.26
CA MET A 78 23.86 6.57 -3.75
C MET A 78 24.06 6.76 -5.26
N GLU A 79 25.20 6.32 -5.83
CA GLU A 79 25.37 6.36 -7.30
C GLU A 79 24.29 5.55 -7.99
N ASP A 80 24.00 4.37 -7.45
CA ASP A 80 22.96 3.54 -8.03
C ASP A 80 21.63 4.27 -7.96
N PHE A 81 21.34 4.92 -6.82
CA PHE A 81 20.10 5.67 -6.75
C PHE A 81 20.08 6.80 -7.77
N ASP A 82 21.17 7.56 -7.86
CA ASP A 82 21.19 8.67 -8.81
C ASP A 82 20.99 8.16 -10.22
N GLU A 83 21.56 6.98 -10.54
CA GLU A 83 21.34 6.39 -11.85
C GLU A 83 19.89 6.01 -12.05
N LEU A 84 19.27 5.38 -11.04
CA LEU A 84 17.86 5.03 -11.12
C LEU A 84 17.00 6.25 -11.39
N LEU A 85 17.19 7.33 -10.62
CA LEU A 85 16.36 8.51 -10.79
C LEU A 85 16.56 9.12 -12.17
N ASP A 86 17.81 9.15 -12.64
CA ASP A 86 18.11 9.70 -13.95
C ASP A 86 17.47 8.87 -15.06
N GLU A 87 17.51 7.54 -14.93
CA GLU A 87 16.89 6.68 -15.95
C GLU A 87 15.37 6.77 -15.89
N VAL A 88 14.80 6.80 -14.69
CA VAL A 88 13.34 6.96 -14.58
C VAL A 88 12.91 8.25 -15.26
N HIS A 89 13.63 9.33 -14.97
CA HIS A 89 13.24 10.63 -15.50
C HIS A 89 13.45 10.71 -17.01
N HIS A 90 14.48 10.05 -17.55
CA HIS A 90 14.68 10.07 -19.00
C HIS A 90 13.70 9.17 -19.73
N ARG A 91 13.03 8.25 -19.04
CA ARG A 91 12.00 7.42 -19.66
C ARG A 91 10.61 8.01 -19.49
N GLY A 92 10.51 9.26 -19.08
CA GLY A 92 9.21 9.90 -18.98
C GLY A 92 8.40 9.47 -17.78
N MET A 93 9.05 9.11 -16.69
CA MET A 93 8.36 8.70 -15.48
C MET A 93 8.86 9.53 -14.30
N LYS A 94 8.09 9.51 -13.23
CA LYS A 94 8.43 10.15 -11.98
C LYS A 94 8.67 9.09 -10.91
N LEU A 95 9.37 9.48 -9.84
CA LEU A 95 9.62 8.57 -8.73
C LEU A 95 9.32 9.27 -7.42
N ILE A 96 8.51 8.61 -6.58
CA ILE A 96 8.25 9.06 -5.23
C ILE A 96 8.88 8.08 -4.26
N MET A 97 9.46 8.62 -3.19
CA MET A 97 10.14 7.85 -2.17
C MET A 97 9.21 7.59 -0.99
N ASP A 98 9.61 6.64 -0.15
CA ASP A 98 8.87 6.29 1.04
C ASP A 98 9.46 7.07 2.21
N LEU A 99 8.64 7.93 2.81
CA LEU A 99 9.09 8.84 3.86
C LEU A 99 8.62 8.27 5.20
N VAL A 100 9.57 7.87 6.03
CA VAL A 100 9.32 7.06 7.22
C VAL A 100 9.81 7.87 8.42
N ILE A 101 8.92 8.70 8.98
CA ILE A 101 9.36 9.63 10.02
C ILE A 101 8.50 9.58 11.27
N ASN A 102 7.73 8.49 11.44
CA ASN A 102 7.14 8.22 12.75
C ASN A 102 8.16 7.61 13.71
N HIS A 103 9.17 6.93 13.17
CA HIS A 103 10.12 6.16 13.97
C HIS A 103 11.41 6.03 13.20
N THR A 104 12.48 5.68 13.92
CA THR A 104 13.73 5.29 13.30
C THR A 104 14.13 3.91 13.78
N SER A 105 15.18 3.38 13.17
CA SER A 105 15.88 2.24 13.73
C SER A 105 16.47 2.60 15.09
N ASP A 106 16.56 1.60 15.97
CA ASP A 106 17.30 1.77 17.21
C ASP A 106 18.80 1.80 16.98
N GLU A 107 19.26 1.60 15.75
CA GLU A 107 20.67 1.81 15.41
C GLU A 107 20.91 3.15 14.73
N HIS A 108 19.87 3.97 14.60
CA HIS A 108 20.04 5.33 14.14
C HIS A 108 20.91 6.09 15.14
N PRO A 109 21.88 6.89 14.67
CA PRO A 109 22.73 7.62 15.63
C PRO A 109 21.95 8.46 16.63
N TRP A 110 20.80 9.02 16.25
CA TRP A 110 20.00 9.77 17.22
C TRP A 110 19.60 8.89 18.40
N PHE A 111 19.18 7.66 18.11
CA PHE A 111 18.74 6.79 19.20
C PHE A 111 19.92 6.23 19.98
N LEU A 112 21.00 5.87 19.30
CA LEU A 112 22.21 5.43 20.00
C LEU A 112 22.64 6.48 21.02
N GLU A 113 22.54 7.75 20.66
CA GLU A 113 22.81 8.81 21.62
C GLU A 113 21.70 8.90 22.66
N SER A 114 20.44 8.90 22.20
CA SER A 114 19.30 9.04 23.09
C SER A 114 19.33 8.03 24.24
N ARG A 115 19.72 6.78 23.94
CA ARG A 115 19.72 5.72 24.94
C ARG A 115 21.01 5.68 25.77
N SER A 116 22.03 6.46 25.40
CA SER A 116 23.35 6.33 26.01
C SER A 116 23.40 6.82 27.45
N ALA A 117 22.45 7.66 27.85
CA ALA A 117 22.47 8.27 29.18
C ALA A 117 21.10 8.86 29.45
N LYS A 118 20.71 8.87 30.72
CA LYS A 118 19.39 9.36 31.08
C LYS A 118 19.21 10.82 30.70
N GLU A 119 20.29 11.61 30.78
CA GLU A 119 20.31 12.97 30.32
C GLU A 119 21.30 13.06 29.17
N ASN A 120 20.85 13.53 28.03
CA ASN A 120 21.73 13.81 26.90
C ASN A 120 20.92 14.60 25.87
N PRO A 121 21.60 15.26 24.92
CA PRO A 121 20.89 16.17 23.99
C PRO A 121 19.88 15.47 23.09
N TYR A 122 19.95 14.15 22.95
CA TYR A 122 19.03 13.42 22.09
C TYR A 122 18.02 12.61 22.88
N ARG A 123 18.01 12.74 24.21
CA ARG A 123 17.09 11.93 25.02
C ARG A 123 15.64 12.13 24.57
N ASP A 124 15.22 13.38 24.41
CA ASP A 124 13.84 13.70 24.10
C ASP A 124 13.56 13.69 22.60
N TYR A 125 14.49 13.18 21.80
CA TYR A 125 14.16 12.84 20.42
C TYR A 125 13.22 11.64 20.33
N TYR A 126 13.15 10.84 21.40
CA TYR A 126 12.34 9.63 21.40
C TYR A 126 11.43 9.71 22.61
N ILE A 127 10.68 8.65 22.89
CA ILE A 127 9.60 8.71 23.87
C ILE A 127 10.00 7.77 25.00
N TRP A 128 10.50 8.35 26.08
CA TRP A 128 10.99 7.60 27.24
C TRP A 128 10.08 7.84 28.44
N HIS A 129 9.97 6.83 29.30
CA HIS A 129 9.13 6.93 30.48
C HIS A 129 9.54 5.86 31.49
N GLU A 130 9.53 6.23 32.76
CA GLU A 130 9.78 5.19 33.75
C GLU A 130 8.57 4.26 33.87
N GLY A 131 8.83 3.06 34.34
CA GLY A 131 7.79 2.08 34.49
C GLY A 131 6.78 2.44 35.57
N LYS A 132 5.76 1.59 35.65
CA LYS A 132 4.68 1.69 36.61
C LYS A 132 4.51 0.34 37.29
N ASP A 133 4.47 0.33 38.63
CA ASP A 133 4.25 -0.90 39.41
C ASP A 133 5.25 -1.98 39.01
N GLY A 134 6.49 -1.59 38.74
CA GLY A 134 7.48 -2.55 38.29
C GLY A 134 7.21 -3.14 36.93
N LYS A 135 6.29 -2.58 36.16
CA LYS A 135 5.99 -3.02 34.81
C LYS A 135 6.14 -1.83 33.86
N GLU A 136 5.65 -2.02 32.63
CA GLU A 136 5.75 -0.99 31.60
C GLU A 136 4.98 0.28 32.01
N PRO A 137 5.27 1.43 31.37
CA PRO A 137 4.55 2.66 31.72
C PRO A 137 3.05 2.56 31.55
N ASN A 138 2.57 1.80 30.57
CA ASN A 138 1.13 1.61 30.42
C ASN A 138 0.88 0.25 29.79
N ASN A 139 -0.38 -0.05 29.49
CA ASN A 139 -0.76 -1.36 28.99
C ASN A 139 -0.81 -1.46 27.47
N TRP A 140 -0.21 -0.50 26.74
CA TRP A 140 -0.37 -0.49 25.29
C TRP A 140 0.37 -1.66 24.64
N GLU A 141 -0.27 -2.23 23.62
CA GLU A 141 0.30 -3.29 22.78
C GLU A 141 0.94 -2.67 21.53
N SER A 142 2.09 -3.21 21.14
CA SER A 142 2.66 -2.89 19.85
C SER A 142 1.80 -3.46 18.72
N ILE A 143 1.79 -2.76 17.59
CA ILE A 143 1.11 -3.28 16.41
C ILE A 143 1.70 -4.63 15.98
N PHE A 144 2.97 -4.86 16.28
CA PHE A 144 3.63 -6.13 15.99
C PHE A 144 3.62 -7.08 17.19
N SER A 145 2.66 -6.91 18.09
CA SER A 145 2.41 -7.79 19.25
C SER A 145 3.41 -7.55 20.38
N GLY A 146 3.07 -7.99 21.60
CA GLY A 146 3.86 -7.64 22.75
C GLY A 146 3.64 -6.20 23.20
N SER A 147 4.44 -5.81 24.17
CA SER A 147 4.35 -4.47 24.72
C SER A 147 4.83 -3.43 23.71
N ALA A 148 4.20 -2.27 23.74
CA ALA A 148 4.68 -1.10 23.02
C ALA A 148 5.82 -0.38 23.74
N TRP A 149 6.37 -0.95 24.82
CA TRP A 149 7.49 -0.36 25.53
C TRP A 149 8.59 -1.41 25.71
N GLU A 150 9.83 -0.97 25.51
CA GLU A 150 11.01 -1.79 25.70
C GLU A 150 11.89 -1.17 26.76
N PHE A 151 12.27 -1.97 27.76
CA PHE A 151 13.10 -1.48 28.85
C PHE A 151 14.55 -1.33 28.43
N ASP A 152 15.16 -0.21 28.82
CA ASP A 152 16.59 0.00 28.64
C ASP A 152 17.27 -0.15 30.00
N GLU A 153 18.10 -1.19 30.14
CA GLU A 153 18.73 -1.47 31.43
C GLU A 153 19.64 -0.33 31.87
N LYS A 154 20.37 0.27 30.93
CA LYS A 154 21.37 1.27 31.30
C LYS A 154 20.74 2.49 31.97
N THR A 155 19.69 3.04 31.36
CA THR A 155 19.08 4.27 31.87
C THR A 155 17.82 4.03 32.68
N LYS A 156 17.41 2.76 32.84
CA LYS A 156 16.31 2.38 33.74
C LYS A 156 14.99 3.04 33.35
N GLU A 157 14.73 3.14 32.05
CA GLU A 157 13.46 3.66 31.57
C GLU A 157 13.06 2.85 30.33
N TYR A 158 11.78 2.93 29.99
CA TYR A 158 11.25 2.28 28.80
C TYR A 158 11.16 3.28 27.66
N TYR A 159 11.43 2.81 26.45
CA TYR A 159 11.15 3.60 25.26
C TYR A 159 9.97 3.01 24.49
N MET A 160 9.20 3.91 23.85
CA MET A 160 8.00 3.47 23.15
C MET A 160 8.34 2.98 21.75
N HIS A 161 7.66 1.91 21.33
CA HIS A 161 7.71 1.48 19.93
C HIS A 161 6.33 0.99 19.54
N VAL A 162 5.62 1.78 18.74
CA VAL A 162 4.36 1.33 18.17
C VAL A 162 4.59 0.09 17.30
N PHE A 163 5.70 0.08 16.58
CA PHE A 163 6.03 -1.03 15.68
C PHE A 163 7.07 -1.92 16.38
N SER A 164 8.15 -2.35 15.73
CA SER A 164 8.98 -3.36 16.35
C SER A 164 9.85 -2.75 17.45
N LYS A 165 10.43 -3.63 18.27
CA LYS A 165 11.35 -3.17 19.31
C LYS A 165 12.53 -2.40 18.73
N LYS A 166 12.89 -2.66 17.47
CA LYS A 166 13.97 -1.93 16.84
C LYS A 166 13.47 -0.75 16.02
N GLN A 167 12.25 -0.25 16.31
CA GLN A 167 11.68 0.94 15.68
C GLN A 167 11.16 1.91 16.73
N PRO A 168 12.05 2.52 17.53
CA PRO A 168 11.59 3.49 18.52
C PRO A 168 10.91 4.70 17.87
N ASP A 169 9.77 5.09 18.42
CA ASP A 169 9.01 6.23 17.90
C ASP A 169 9.72 7.54 18.15
N LEU A 170 9.75 8.39 17.13
CA LEU A 170 10.24 9.76 17.30
C LEU A 170 9.25 10.61 18.08
N ASN A 171 9.78 11.58 18.83
CA ASN A 171 8.97 12.46 19.65
C ASN A 171 8.62 13.71 18.85
N TRP A 172 7.44 13.70 18.21
CA TRP A 172 7.01 14.83 17.41
C TRP A 172 6.64 16.05 18.25
N GLU A 173 6.61 15.95 19.59
CA GLU A 173 6.42 17.13 20.41
C GLU A 173 7.70 17.93 20.59
N ASN A 174 8.84 17.41 20.14
CA ASN A 174 10.14 18.07 20.31
C ASN A 174 10.42 18.87 19.05
N GLU A 175 10.50 20.20 19.18
CA GLU A 175 10.76 21.04 18.01
C GLU A 175 12.10 20.67 17.35
N LYS A 176 13.08 20.24 18.13
CA LYS A 176 14.37 19.86 17.58
C LYS A 176 14.22 18.71 16.59
N VAL A 177 13.42 17.71 16.96
CA VAL A 177 13.16 16.56 16.08
C VAL A 177 12.52 17.02 14.78
N ARG A 178 11.44 17.80 14.91
CA ARG A 178 10.72 18.24 13.72
C ARG A 178 11.64 18.99 12.78
N HIS A 179 12.48 19.87 13.33
CA HIS A 179 13.40 20.63 12.48
C HIS A 179 14.36 19.72 11.73
N GLU A 180 14.93 18.72 12.41
CA GLU A 180 15.85 17.82 11.74
C GLU A 180 15.14 17.01 10.66
N LEU A 181 13.90 16.61 10.92
CA LEU A 181 13.15 15.87 9.91
C LEU A 181 12.87 16.74 8.69
N TYR A 182 12.48 17.99 8.90
CA TYR A 182 12.16 18.85 7.76
C TYR A 182 13.40 19.07 6.90
N GLU A 183 14.57 19.28 7.54
CA GLU A 183 15.81 19.45 6.76
C GLU A 183 16.09 18.22 5.92
N MET A 184 15.85 17.03 6.50
CA MET A 184 16.12 15.80 5.79
C MET A 184 15.16 15.62 4.61
N VAL A 185 13.89 15.96 4.81
CA VAL A 185 12.90 15.84 3.74
C VAL A 185 13.27 16.76 2.59
N ASN A 186 13.63 18.00 2.89
CA ASN A 186 13.95 18.94 1.84
C ASN A 186 15.27 18.58 1.14
N TRP A 187 16.19 17.95 1.87
CA TRP A 187 17.41 17.45 1.24
C TRP A 187 17.08 16.47 0.13
N TRP A 188 16.14 15.57 0.37
CA TRP A 188 15.71 14.64 -0.68
C TRP A 188 14.98 15.36 -1.80
N LEU A 189 14.09 16.29 -1.44
CA LEU A 189 13.34 17.00 -2.49
C LEU A 189 14.26 17.84 -3.36
N ASP A 190 15.36 18.36 -2.78
CA ASP A 190 16.33 19.14 -3.56
C ASP A 190 17.03 18.31 -4.62
N LYS A 191 17.04 16.98 -4.49
CA LYS A 191 17.61 16.10 -5.51
C LYS A 191 16.71 15.95 -6.73
N GLY A 192 15.45 16.40 -6.64
CA GLY A 192 14.55 16.26 -7.76
C GLY A 192 13.71 15.00 -7.77
N ILE A 193 13.49 14.38 -6.62
CA ILE A 193 12.48 13.33 -6.58
C ILE A 193 11.13 13.99 -6.71
N ASP A 194 10.09 13.20 -6.97
CA ASP A 194 8.81 13.77 -7.37
C ASP A 194 7.77 13.74 -6.28
N GLY A 195 8.16 13.39 -5.07
CA GLY A 195 7.26 13.40 -3.94
C GLY A 195 7.51 12.22 -3.04
N PHE A 196 6.50 11.92 -2.22
CA PHE A 196 6.62 10.91 -1.18
C PHE A 196 5.32 10.17 -1.00
N ARG A 197 5.44 8.88 -0.72
CA ARG A 197 4.44 8.15 0.05
C ARG A 197 4.87 8.26 1.51
N VAL A 198 3.96 8.69 2.39
CA VAL A 198 4.35 9.08 3.74
C VAL A 198 3.87 8.00 4.71
N ASP A 199 4.83 7.27 5.29
CA ASP A 199 4.59 6.07 6.07
C ASP A 199 3.97 6.35 7.45
N ALA A 200 3.01 5.50 7.83
CA ALA A 200 2.45 5.44 9.19
C ALA A 200 2.17 6.84 9.74
N ILE A 201 1.73 7.73 8.86
CA ILE A 201 1.76 9.15 9.21
C ILE A 201 0.64 9.50 10.17
N SER A 202 -0.41 8.70 10.22
CA SER A 202 -1.44 8.94 11.22
C SER A 202 -1.02 8.52 12.63
N HIS A 203 0.19 7.99 12.83
CA HIS A 203 0.60 7.54 14.17
C HIS A 203 1.51 8.51 14.91
N ILE A 204 1.79 9.70 14.37
CA ILE A 204 2.81 10.55 14.98
C ILE A 204 2.31 11.30 16.23
N LYS A 205 1.00 11.39 16.46
CA LYS A 205 0.50 12.08 17.63
C LYS A 205 0.06 11.06 18.68
N LYS A 206 0.70 11.10 19.84
CA LYS A 206 0.33 10.22 20.95
C LYS A 206 -0.50 11.02 21.95
N VAL A 207 -1.48 10.35 22.56
CA VAL A 207 -2.27 10.98 23.62
C VAL A 207 -1.32 11.37 24.75
N ALA A 208 -1.33 12.66 25.10
CA ALA A 208 -0.37 13.18 26.07
C ALA A 208 -0.47 12.43 27.39
N GLY A 209 0.68 12.07 27.95
CA GLY A 209 0.72 11.30 29.17
C GLY A 209 0.54 9.81 28.99
N PHE A 210 0.25 9.34 27.79
CA PHE A 210 0.16 7.93 27.45
C PHE A 210 -0.67 7.13 28.45
N PRO A 211 -1.93 7.52 28.68
CA PRO A 211 -2.73 6.82 29.70
C PRO A 211 -3.06 5.39 29.28
N ASP A 212 -3.26 4.55 30.30
CA ASP A 212 -3.77 3.21 30.05
C ASP A 212 -5.06 3.25 29.26
N LEU A 213 -5.27 2.21 28.43
CA LEU A 213 -6.50 2.03 27.68
C LEU A 213 -7.40 1.03 28.37
N PRO A 214 -8.70 1.11 28.13
CA PRO A 214 -9.62 0.12 28.74
C PRO A 214 -9.28 -1.29 28.30
N ASN A 215 -9.42 -2.23 29.22
CA ASN A 215 -8.99 -3.61 29.00
C ASN A 215 -10.12 -4.55 29.39
N PRO A 216 -11.25 -4.50 28.66
CA PRO A 216 -12.41 -5.33 29.05
C PRO A 216 -12.15 -6.82 29.01
N GLU A 217 -11.25 -7.29 28.15
CA GLU A 217 -10.97 -8.72 28.03
C GLU A 217 -9.75 -9.15 28.85
N LYS A 218 -9.18 -8.24 29.64
CA LYS A 218 -8.07 -8.55 30.54
C LYS A 218 -6.92 -9.21 29.79
N LEU A 219 -6.49 -8.57 28.70
CA LEU A 219 -5.35 -9.00 27.93
C LEU A 219 -4.04 -8.57 28.59
N ASP A 220 -2.96 -9.26 28.24
CA ASP A 220 -1.65 -8.85 28.74
C ASP A 220 -1.32 -7.44 28.28
N TYR A 221 -1.66 -7.12 27.03
CA TYR A 221 -1.48 -5.81 26.44
C TYR A 221 -2.67 -5.50 25.56
N VAL A 222 -3.00 -4.22 25.44
CA VAL A 222 -4.23 -3.75 24.82
C VAL A 222 -3.89 -3.16 23.45
N PRO A 223 -4.53 -3.61 22.37
CA PRO A 223 -4.37 -2.92 21.08
C PRO A 223 -4.55 -1.43 21.27
N SER A 224 -3.58 -0.64 20.78
CA SER A 224 -3.38 0.70 21.30
C SER A 224 -3.69 1.80 20.28
N PHE A 225 -4.49 1.50 19.26
CA PHE A 225 -4.82 2.49 18.24
C PHE A 225 -5.46 3.75 18.84
N GLU A 226 -6.27 3.62 19.88
CA GLU A 226 -6.86 4.82 20.46
C GLU A 226 -5.84 5.68 21.22
N GLY A 227 -4.61 5.21 21.36
CA GLY A 227 -3.57 6.01 21.98
C GLY A 227 -2.68 6.73 21.00
N HIS A 228 -2.66 6.32 19.72
CA HIS A 228 -1.71 6.95 18.80
C HIS A 228 -2.16 7.03 17.35
N MET A 229 -3.34 6.56 16.97
CA MET A 229 -3.74 6.58 15.55
C MET A 229 -4.74 7.71 15.31
N ASN A 230 -4.34 8.66 14.46
CA ASN A 230 -5.17 9.82 14.09
C ASN A 230 -5.73 10.52 15.32
N ARG A 231 -4.80 10.88 16.28
CA ARG A 231 -5.27 11.46 17.53
C ARG A 231 -5.43 12.97 17.38
N PRO A 232 -6.34 13.57 18.14
CA PRO A 232 -6.46 15.04 18.10
C PRO A 232 -5.13 15.70 18.41
N GLY A 233 -4.80 16.71 17.61
CA GLY A 233 -3.53 17.39 17.69
C GLY A 233 -2.57 17.01 16.57
N ILE A 234 -2.87 15.92 15.86
CA ILE A 234 -2.00 15.51 14.76
C ILE A 234 -1.96 16.56 13.66
N GLN A 235 -3.06 17.26 13.42
CA GLN A 235 -3.08 18.15 12.24
C GLN A 235 -2.12 19.32 12.42
N GLU A 236 -1.90 19.77 13.65
CA GLU A 236 -0.91 20.81 13.88
C GLU A 236 0.45 20.39 13.33
N HIS A 237 0.85 19.14 13.58
CA HIS A 237 2.14 18.66 13.08
C HIS A 237 2.12 18.49 11.57
N LEU A 238 1.03 17.94 11.02
CA LEU A 238 1.00 17.69 9.58
C LEU A 238 0.90 18.99 8.79
N LYS A 239 0.22 20.01 9.33
CA LYS A 239 0.19 21.31 8.68
C LYS A 239 1.58 21.93 8.64
N GLU A 240 2.35 21.79 9.73
CA GLU A 240 3.72 22.31 9.74
C GLU A 240 4.62 21.54 8.79
N LEU A 241 4.49 20.21 8.75
CA LEU A 241 5.26 19.43 7.80
C LEU A 241 5.03 19.91 6.38
N LYS A 242 3.77 20.13 6.02
CA LYS A 242 3.45 20.60 4.67
C LYS A 242 4.07 21.96 4.41
N GLU A 243 3.92 22.88 5.35
CA GLU A 243 4.41 24.25 5.17
C GLU A 243 5.92 24.29 5.02
N LYS A 244 6.64 23.48 5.80
CA LYS A 244 8.09 23.54 5.83
C LYS A 244 8.74 22.69 4.75
N THR A 245 8.00 21.78 4.12
CA THR A 245 8.60 20.89 3.12
C THR A 245 7.76 20.84 1.85
N PHE A 246 6.71 20.01 1.83
CA PHE A 246 5.99 19.69 0.58
C PHE A 246 5.54 20.93 -0.18
N ALA A 247 5.02 21.94 0.53
CA ALA A 247 4.41 23.08 -0.16
C ALA A 247 5.43 23.87 -0.99
N LYS A 248 6.72 23.66 -0.75
CA LYS A 248 7.77 24.37 -1.46
C LYS A 248 8.14 23.72 -2.79
N TYR A 249 7.53 22.59 -3.15
CA TYR A 249 7.93 21.86 -4.36
C TYR A 249 6.70 21.41 -5.13
N ASP A 250 6.86 21.22 -6.44
CA ASP A 250 5.79 20.69 -7.28
C ASP A 250 5.91 19.18 -7.26
N ILE A 251 5.32 18.56 -6.24
CA ILE A 251 5.45 17.13 -6.02
C ILE A 251 4.07 16.54 -5.78
N MET A 252 4.02 15.21 -5.67
CA MET A 252 2.81 14.56 -5.20
C MET A 252 3.10 13.91 -3.86
N THR A 253 2.14 14.01 -2.95
CA THR A 253 2.24 13.31 -1.68
C THR A 253 1.02 12.42 -1.49
N VAL A 254 1.27 11.20 -1.03
CA VAL A 254 0.19 10.31 -0.63
C VAL A 254 0.50 9.83 0.78
N GLY A 255 -0.38 10.14 1.72
CA GLY A 255 -0.16 9.77 3.10
C GLY A 255 -0.78 8.42 3.39
N GLN A 256 -0.04 7.56 4.08
CA GLN A 256 -0.60 6.29 4.52
C GLN A 256 -1.30 6.56 5.85
N ALA A 257 -2.64 6.65 5.82
CA ALA A 257 -3.40 7.27 6.90
C ALA A 257 -4.50 6.32 7.41
N ASN A 258 -4.08 5.27 8.10
CA ASN A 258 -5.02 4.41 8.83
C ASN A 258 -5.76 5.23 9.88
N GLY A 259 -7.02 4.89 10.10
CA GLY A 259 -7.83 5.58 11.09
C GLY A 259 -8.57 6.79 10.60
N VAL A 260 -8.52 7.10 9.32
CA VAL A 260 -9.26 8.19 8.70
C VAL A 260 -10.44 7.60 7.95
N THR A 261 -11.63 8.20 8.12
CA THR A 261 -12.85 7.74 7.49
C THR A 261 -13.28 8.76 6.45
N SER A 262 -14.23 8.36 5.60
CA SER A 262 -14.62 9.24 4.50
C SER A 262 -15.20 10.57 5.01
N ASP A 263 -15.83 10.56 6.18
CA ASP A 263 -16.37 11.78 6.75
C ASP A 263 -15.31 12.66 7.40
N SER A 264 -14.14 12.12 7.73
CA SER A 264 -13.12 12.86 8.46
C SER A 264 -11.87 13.10 7.62
N ALA A 265 -11.99 13.05 6.30
CA ALA A 265 -10.85 13.17 5.40
C ALA A 265 -10.52 14.61 5.04
N ASP A 266 -11.32 15.58 5.49
CA ASP A 266 -11.21 16.95 5.00
C ASP A 266 -9.81 17.51 5.21
N GLU A 267 -9.32 17.46 6.46
CA GLU A 267 -8.03 18.10 6.73
C GLU A 267 -6.89 17.32 6.12
N TRP A 268 -7.13 16.11 5.62
CA TRP A 268 -6.08 15.30 5.03
C TRP A 268 -5.89 15.56 3.54
N VAL A 269 -6.97 15.75 2.77
CA VAL A 269 -6.82 15.75 1.32
C VAL A 269 -7.61 16.87 0.62
N ALA A 270 -8.34 17.69 1.37
CA ALA A 270 -9.14 18.73 0.70
C ALA A 270 -8.24 19.63 -0.15
N GLU A 271 -8.79 20.08 -1.28
CA GLU A 271 -8.03 20.91 -2.20
C GLU A 271 -7.45 22.15 -1.50
N ASP A 272 -8.26 22.84 -0.72
CA ASP A 272 -7.74 23.99 0.02
C ASP A 272 -7.45 23.51 1.45
N GLY A 273 -6.16 23.46 1.79
CA GLY A 273 -5.78 23.20 3.17
C GLY A 273 -5.44 21.76 3.50
N GLY A 274 -5.84 20.80 2.67
CA GLY A 274 -5.45 19.42 2.92
C GLY A 274 -3.93 19.28 2.97
N ASN A 275 -3.45 18.39 3.84
CA ASN A 275 -2.02 18.34 4.00
C ASN A 275 -1.34 17.33 3.07
N PHE A 276 -2.11 16.54 2.32
CA PHE A 276 -1.57 15.67 1.29
C PHE A 276 -2.44 15.80 0.04
N ASN A 277 -1.90 15.36 -1.10
CA ASN A 277 -2.74 15.34 -2.30
C ASN A 277 -3.75 14.20 -2.25
N MET A 278 -3.42 13.12 -1.55
CA MET A 278 -4.29 11.96 -1.41
C MET A 278 -3.77 11.14 -0.24
N ILE A 279 -4.59 10.19 0.21
CA ILE A 279 -4.18 9.27 1.28
C ILE A 279 -4.54 7.86 0.88
N PHE A 280 -3.78 6.90 1.39
CA PHE A 280 -4.23 5.50 1.43
C PHE A 280 -5.13 5.35 2.64
N GLN A 281 -6.40 5.05 2.39
CA GLN A 281 -7.36 4.79 3.44
C GLN A 281 -7.62 3.29 3.51
N PHE A 282 -8.00 2.81 4.69
CA PHE A 282 -7.98 1.39 4.99
C PHE A 282 -9.37 0.79 5.15
N GLU A 283 -10.43 1.56 4.88
CA GLU A 283 -11.76 1.09 5.23
C GLU A 283 -12.21 -0.10 4.40
N HIS A 284 -11.71 -0.25 3.17
CA HIS A 284 -12.09 -1.39 2.34
C HIS A 284 -11.15 -2.58 2.47
N MET A 285 -10.12 -2.48 3.31
CA MET A 285 -9.10 -3.50 3.40
C MET A 285 -9.21 -4.37 4.65
N GLY A 286 -10.29 -4.24 5.42
CA GLY A 286 -10.47 -5.06 6.61
C GLY A 286 -11.78 -5.82 6.67
N LEU A 287 -12.28 -6.24 5.51
CA LEU A 287 -13.55 -6.96 5.42
C LEU A 287 -13.29 -8.47 5.50
N TRP A 288 -12.81 -8.90 6.66
CA TRP A 288 -12.49 -10.32 6.85
C TRP A 288 -13.74 -11.13 7.16
N LYS A 294 -14.89 -15.80 2.58
CA LYS A 294 -16.26 -16.32 2.54
C LYS A 294 -16.76 -15.48 1.36
N PRO A 295 -18.02 -15.60 0.91
CA PRO A 295 -18.44 -14.63 -0.12
C PRO A 295 -18.23 -13.24 0.42
N LEU A 296 -17.33 -12.51 -0.24
CA LEU A 296 -17.21 -11.08 -0.05
C LEU A 296 -18.59 -10.48 0.13
N ASP A 297 -18.74 -9.61 1.12
CA ASP A 297 -19.95 -8.80 1.23
C ASP A 297 -19.81 -7.67 0.24
N LEU A 298 -20.24 -7.93 -1.00
CA LEU A 298 -20.07 -6.99 -2.10
C LEU A 298 -20.70 -5.64 -1.80
N ILE A 299 -21.91 -5.65 -1.23
CA ILE A 299 -22.61 -4.39 -1.04
C ILE A 299 -21.92 -3.56 0.02
N GLU A 300 -21.31 -4.20 1.02
CA GLU A 300 -20.48 -3.45 1.97
C GLU A 300 -19.30 -2.80 1.27
N LEU A 301 -18.67 -3.51 0.34
CA LEU A 301 -17.59 -2.91 -0.43
C LEU A 301 -18.09 -1.72 -1.25
N LYS A 302 -19.25 -1.88 -1.90
CA LYS A 302 -19.87 -0.77 -2.62
C LYS A 302 -20.07 0.43 -1.69
N THR A 303 -20.56 0.19 -0.48
CA THR A 303 -20.86 1.28 0.44
C THR A 303 -19.59 2.04 0.79
N ILE A 304 -18.50 1.31 1.08
CA ILE A 304 -17.25 1.95 1.50
C ILE A 304 -16.64 2.76 0.35
N LEU A 305 -16.44 2.12 -0.81
CA LEU A 305 -15.78 2.85 -1.90
C LEU A 305 -16.65 3.98 -2.40
N THR A 306 -17.98 3.82 -2.38
CA THR A 306 -18.88 4.90 -2.77
C THR A 306 -18.83 6.05 -1.77
N ASN A 307 -18.76 5.73 -0.46
CA ASN A 307 -18.60 6.77 0.55
C ASN A 307 -17.39 7.64 0.22
N TRP A 308 -16.29 7.02 -0.19
CA TRP A 308 -15.08 7.77 -0.48
C TRP A 308 -15.17 8.52 -1.82
N GLN A 309 -15.83 7.92 -2.81
CA GLN A 309 -16.05 8.62 -4.08
C GLN A 309 -16.90 9.86 -3.87
N ASN A 310 -18.05 9.70 -3.20
CA ASN A 310 -18.92 10.85 -2.96
C ASN A 310 -18.31 11.81 -1.96
N GLY A 311 -17.67 11.29 -0.91
CA GLY A 311 -17.15 12.14 0.14
C GLY A 311 -16.05 13.08 -0.33
N LEU A 312 -15.11 12.58 -1.14
CA LEU A 312 -14.03 13.46 -1.59
C LEU A 312 -14.48 14.37 -2.71
N GLU A 313 -15.48 13.97 -3.49
CA GLU A 313 -16.02 14.86 -4.51
C GLU A 313 -16.57 16.13 -3.89
N LYS A 314 -17.19 16.01 -2.71
CA LYS A 314 -17.82 17.17 -2.08
C LYS A 314 -16.80 18.16 -1.52
N ILE A 315 -15.61 17.72 -1.14
CA ILE A 315 -14.58 18.61 -0.61
C ILE A 315 -13.45 18.83 -1.61
N ASN A 316 -13.63 18.45 -2.87
CA ASN A 316 -12.62 18.56 -3.90
C ASN A 316 -11.33 17.88 -3.49
N GLY A 317 -11.46 16.71 -2.86
CA GLY A 317 -10.33 15.86 -2.58
C GLY A 317 -10.07 14.91 -3.74
N TRP A 318 -9.05 14.07 -3.56
CA TRP A 318 -8.66 13.13 -4.60
C TRP A 318 -8.37 11.79 -3.96
N ASN A 319 -8.96 10.72 -4.49
CA ASN A 319 -8.77 9.38 -3.94
C ASN A 319 -7.51 8.73 -4.49
N ALA A 320 -6.81 8.00 -3.62
CA ALA A 320 -5.79 7.05 -4.06
C ALA A 320 -6.44 5.68 -4.17
N LEU A 321 -6.46 5.13 -5.38
CA LEU A 321 -7.18 3.90 -5.67
C LEU A 321 -6.22 2.71 -5.61
N TYR A 322 -6.58 1.68 -4.84
CA TYR A 322 -5.70 0.54 -4.69
C TYR A 322 -6.46 -0.64 -4.10
N LEU A 323 -5.95 -1.84 -4.37
CA LEU A 323 -6.36 -3.06 -3.69
C LEU A 323 -5.21 -3.86 -3.12
N GLU A 324 -3.97 -3.52 -3.47
CA GLU A 324 -2.81 -4.29 -3.03
C GLU A 324 -1.70 -3.35 -2.56
N ASN A 325 -0.90 -3.85 -1.62
CA ASN A 325 0.40 -3.26 -1.30
C ASN A 325 1.21 -4.30 -0.51
N HIS A 326 2.38 -3.88 -0.04
CA HIS A 326 3.30 -4.74 0.72
C HIS A 326 2.80 -5.09 2.12
N ASP A 327 1.66 -4.56 2.57
CA ASP A 327 1.09 -4.88 3.88
C ASP A 327 -0.16 -5.74 3.81
N GLN A 328 -0.57 -6.16 2.63
CA GLN A 328 -1.83 -6.88 2.49
C GLN A 328 -1.58 -8.21 1.80
N ILE A 329 -2.60 -9.05 1.81
CA ILE A 329 -2.56 -10.27 1.01
C ILE A 329 -2.89 -9.92 -0.43
N ARG A 330 -2.77 -10.90 -1.31
CA ARG A 330 -3.02 -10.62 -2.74
C ARG A 330 -4.51 -10.45 -2.99
N SER A 331 -4.83 -9.58 -3.96
CA SER A 331 -6.23 -9.20 -4.12
C SER A 331 -7.09 -10.29 -4.75
N VAL A 332 -6.52 -11.14 -5.61
CA VAL A 332 -7.29 -12.30 -6.07
C VAL A 332 -7.82 -13.08 -4.87
N ASN A 333 -6.97 -13.31 -3.86
CA ASN A 333 -7.42 -14.02 -2.67
C ASN A 333 -8.40 -13.18 -1.85
N LYS A 334 -8.11 -11.88 -1.67
CA LYS A 334 -8.88 -11.05 -0.76
C LYS A 334 -10.25 -10.68 -1.33
N PHE A 335 -10.32 -10.38 -2.62
CA PHE A 335 -11.50 -9.82 -3.26
C PHE A 335 -12.00 -10.63 -4.43
N GLY A 336 -11.20 -11.55 -4.96
CA GLY A 336 -11.58 -12.32 -6.14
C GLY A 336 -11.75 -13.78 -5.83
N SER A 337 -11.27 -14.65 -6.73
CA SER A 337 -11.44 -16.09 -6.57
C SER A 337 -10.27 -16.83 -7.19
N THR A 338 -9.65 -17.73 -6.41
CA THR A 338 -8.61 -18.60 -7.00
C THR A 338 -9.20 -19.63 -7.97
N ALA A 339 -10.50 -19.89 -7.92
CA ALA A 339 -11.14 -20.74 -8.91
C ALA A 339 -11.31 -20.05 -10.26
N TYR A 340 -11.26 -18.71 -10.27
CA TYR A 340 -11.30 -17.92 -11.50
C TYR A 340 -10.21 -16.86 -11.41
N ARG A 341 -8.96 -17.32 -11.34
CA ARG A 341 -7.86 -16.42 -11.03
C ARG A 341 -7.72 -15.30 -12.06
N VAL A 342 -7.58 -15.65 -13.34
CA VAL A 342 -7.32 -14.65 -14.37
C VAL A 342 -8.54 -13.76 -14.56
N GLU A 343 -9.72 -14.37 -14.58
CA GLU A 343 -10.95 -13.61 -14.78
C GLU A 343 -11.20 -12.64 -13.63
N SER A 344 -11.07 -13.13 -12.39
CA SER A 344 -11.29 -12.24 -11.25
C SER A 344 -10.19 -11.18 -11.12
N ALA A 345 -8.95 -11.51 -11.51
CA ALA A 345 -7.91 -10.47 -11.52
C ALA A 345 -8.28 -9.33 -12.45
N LYS A 346 -8.80 -9.65 -13.64
CA LYS A 346 -9.16 -8.60 -14.57
C LYS A 346 -10.40 -7.86 -14.11
N CYS A 347 -11.37 -8.59 -13.54
CA CYS A 347 -12.58 -7.97 -13.02
C CYS A 347 -12.23 -6.97 -11.92
N LEU A 348 -11.39 -7.40 -10.97
CA LEU A 348 -10.96 -6.51 -9.90
C LEU A 348 -10.22 -5.30 -10.44
N ALA A 349 -9.41 -5.50 -11.48
CA ALA A 349 -8.65 -4.40 -12.07
C ALA A 349 -9.59 -3.33 -12.60
N ALA A 350 -10.53 -3.71 -13.47
CA ALA A 350 -11.48 -2.71 -13.98
C ALA A 350 -12.25 -2.06 -12.84
N LEU A 351 -12.66 -2.85 -11.85
CA LEU A 351 -13.44 -2.32 -10.74
C LEU A 351 -12.72 -1.18 -10.03
N TYR A 352 -11.51 -1.43 -9.52
CA TYR A 352 -10.89 -0.40 -8.68
C TYR A 352 -10.22 0.69 -9.51
N PHE A 353 -9.70 0.35 -10.70
CA PHE A 353 -8.84 1.25 -11.45
C PHE A 353 -9.64 2.38 -12.10
N LEU A 354 -10.92 2.15 -12.38
CA LEU A 354 -11.72 3.08 -13.16
C LEU A 354 -12.67 3.93 -12.31
N MET A 355 -12.48 3.95 -10.99
CA MET A 355 -13.13 4.94 -10.16
C MET A 355 -12.37 6.26 -10.28
N LYS A 356 -12.92 7.31 -9.68
CA LYS A 356 -12.27 8.62 -9.76
C LYS A 356 -11.13 8.67 -8.76
N GLY A 357 -9.93 8.89 -9.24
CA GLY A 357 -8.77 8.97 -8.39
C GLY A 357 -7.52 8.59 -9.15
N THR A 358 -6.44 8.44 -8.40
CA THR A 358 -5.16 8.04 -8.95
C THR A 358 -4.94 6.56 -8.65
N PRO A 359 -4.89 5.68 -9.65
CA PRO A 359 -4.73 4.26 -9.35
C PRO A 359 -3.28 3.87 -9.12
N PHE A 360 -3.08 2.98 -8.14
CA PHE A 360 -1.81 2.35 -7.84
C PHE A 360 -1.88 0.86 -8.16
N ILE A 361 -0.83 0.38 -8.81
CA ILE A 361 -0.63 -1.03 -9.14
C ILE A 361 0.53 -1.51 -8.31
N TYR A 362 0.32 -2.56 -7.52
CA TYR A 362 1.39 -3.13 -6.73
C TYR A 362 2.06 -4.26 -7.50
N GLN A 363 3.38 -4.38 -7.37
CA GLN A 363 4.11 -5.32 -8.20
C GLN A 363 3.52 -6.72 -8.13
N GLY A 364 3.23 -7.29 -9.28
CA GLY A 364 2.62 -8.61 -9.41
C GLY A 364 1.11 -8.61 -9.44
N GLN A 365 0.48 -7.52 -9.00
CA GLN A 365 -0.97 -7.39 -9.14
C GLN A 365 -1.38 -7.49 -10.60
N GLU A 366 -0.57 -6.93 -11.49
CA GLU A 366 -0.87 -6.93 -12.92
C GLU A 366 -0.66 -8.28 -13.56
N LEU A 367 -0.20 -9.28 -12.80
CA LEU A 367 -0.08 -10.65 -13.27
C LEU A 367 -1.14 -11.56 -12.69
N GLY A 368 -1.92 -11.09 -11.72
CA GLY A 368 -2.79 -11.96 -10.95
C GLY A 368 -2.01 -12.90 -10.06
N MET A 369 -0.90 -12.43 -9.47
CA MET A 369 -0.19 -13.23 -8.50
C MET A 369 -1.06 -13.48 -7.27
N THR A 370 -0.83 -14.60 -6.60
CA THR A 370 -1.69 -15.03 -5.51
C THR A 370 -0.90 -15.36 -4.26
N ASN A 371 -1.65 -15.65 -3.18
CA ASN A 371 -1.08 -15.97 -1.90
C ASN A 371 -0.26 -17.25 -1.96
N VAL A 372 0.66 -17.38 -1.02
CA VAL A 372 1.52 -18.55 -0.92
C VAL A 372 1.24 -19.25 0.41
N LYS A 373 1.57 -20.55 0.48
CA LYS A 373 1.37 -21.35 1.70
C LYS A 373 2.65 -22.09 2.06
N PHE A 374 3.52 -21.46 2.86
CA PHE A 374 4.71 -22.15 3.35
C PHE A 374 4.40 -22.82 4.69
N ASP A 375 4.95 -24.02 4.88
CA ASP A 375 4.62 -24.78 6.08
C ASP A 375 5.43 -24.37 7.29
N SER A 376 6.63 -23.84 7.09
CA SER A 376 7.54 -23.56 8.19
C SER A 376 7.53 -22.08 8.54
N ILE A 377 7.47 -21.77 9.84
CA ILE A 377 7.58 -20.38 10.27
C ILE A 377 8.93 -19.80 9.90
N ASP A 378 9.94 -20.66 9.66
CA ASP A 378 11.23 -20.16 9.22
C ASP A 378 11.23 -19.70 7.77
N ASP A 379 10.22 -20.09 7.00
CA ASP A 379 10.08 -19.61 5.63
C ASP A 379 9.54 -18.20 5.56
N TYR A 380 9.00 -17.69 6.64
CA TYR A 380 8.43 -16.35 6.67
C TYR A 380 9.42 -15.36 7.28
N ASP A 381 9.11 -14.07 7.12
CA ASP A 381 10.04 -13.02 7.50
C ASP A 381 9.40 -11.91 8.30
N ASP A 382 8.12 -11.65 8.03
CA ASP A 382 7.36 -10.54 8.61
C ASP A 382 7.49 -10.50 10.13
N VAL A 383 8.15 -9.45 10.65
CA VAL A 383 8.38 -9.33 12.09
C VAL A 383 7.06 -9.44 12.85
N GLY A 384 5.98 -8.89 12.28
CA GLY A 384 4.69 -8.96 12.94
C GLY A 384 4.19 -10.38 13.13
N MET A 385 4.28 -11.19 12.08
CA MET A 385 3.74 -12.55 12.17
C MET A 385 4.70 -13.49 12.88
N ILE A 386 6.01 -13.23 12.82
CA ILE A 386 6.94 -14.04 13.60
C ILE A 386 6.69 -13.82 15.08
N ASN A 387 6.47 -12.56 15.47
CA ASN A 387 6.10 -12.23 16.85
C ASN A 387 4.78 -12.87 17.24
N TYR A 388 3.78 -12.72 16.39
CA TYR A 388 2.47 -13.30 16.65
C TYR A 388 2.59 -14.81 16.88
N TYR A 389 3.36 -15.49 16.03
CA TYR A 389 3.56 -16.93 16.17
C TYR A 389 4.11 -17.27 17.54
N ARG A 390 5.18 -16.59 17.95
CA ARG A 390 5.79 -16.92 19.23
C ARG A 390 4.79 -16.71 20.38
N ILE A 391 4.16 -15.52 20.42
CA ILE A 391 3.29 -15.20 21.54
C ILE A 391 2.10 -16.14 21.60
N GLN A 392 1.47 -16.41 20.45
CA GLN A 392 0.26 -17.22 20.44
C GLN A 392 0.57 -18.69 20.67
N ARG A 393 1.71 -19.18 20.20
CA ARG A 393 2.07 -20.57 20.43
C ARG A 393 2.29 -20.84 21.91
N GLU A 394 2.95 -19.92 22.62
CA GLU A 394 3.12 -20.07 24.05
C GLU A 394 1.77 -20.07 24.77
N LYS A 395 0.79 -19.38 24.20
CA LYS A 395 -0.55 -19.32 24.76
C LYS A 395 -1.39 -20.56 24.47
N GLY A 396 -0.89 -21.50 23.68
CA GLY A 396 -1.60 -22.74 23.43
C GLY A 396 -2.22 -22.87 22.07
N ASP A 397 -2.20 -21.81 21.25
CA ASP A 397 -2.63 -21.95 19.86
C ASP A 397 -1.76 -22.98 19.16
N SER A 398 -2.40 -23.81 18.33
CA SER A 398 -1.66 -24.82 17.60
C SER A 398 -0.93 -24.18 16.42
N HIS A 399 0.08 -24.89 15.91
CA HIS A 399 0.76 -24.48 14.69
C HIS A 399 -0.23 -24.25 13.55
N ASP A 400 -1.17 -25.18 13.38
CA ASP A 400 -2.14 -25.07 12.29
C ASP A 400 -3.00 -23.83 12.44
N GLU A 401 -3.46 -23.55 13.66
CA GLU A 401 -4.24 -22.34 13.92
C GLU A 401 -3.47 -21.09 13.55
N ILE A 402 -2.21 -21.02 13.96
CA ILE A 402 -1.41 -19.83 13.69
C ILE A 402 -1.10 -19.72 12.19
N MET A 403 -0.72 -20.83 11.57
CA MET A 403 -0.40 -20.75 10.14
C MET A 403 -1.62 -20.34 9.34
N LYS A 404 -2.83 -20.68 9.80
CA LYS A 404 -4.02 -20.22 9.09
C LYS A 404 -4.12 -18.70 9.09
N VAL A 405 -3.83 -18.06 10.22
CA VAL A 405 -3.83 -16.61 10.30
C VAL A 405 -2.75 -16.03 9.39
N ILE A 406 -1.56 -16.64 9.41
CA ILE A 406 -0.46 -16.15 8.57
C ILE A 406 -0.80 -16.34 7.10
N TRP A 407 -1.34 -17.52 6.76
CA TRP A 407 -1.66 -17.81 5.36
C TRP A 407 -2.74 -16.88 4.84
N GLU A 408 -3.75 -16.61 5.65
CA GLU A 408 -4.93 -15.92 5.18
C GLU A 408 -4.86 -14.41 5.36
N THR A 409 -3.93 -13.92 6.18
CA THR A 409 -3.88 -12.50 6.51
C THR A 409 -2.48 -11.90 6.49
N GLY A 410 -1.43 -12.70 6.37
CA GLY A 410 -0.07 -12.17 6.53
C GLY A 410 0.43 -11.45 5.29
N ARG A 411 1.11 -10.32 5.53
CA ARG A 411 1.57 -9.51 4.41
C ARG A 411 2.73 -10.14 3.64
N ASP A 412 3.38 -11.17 4.18
CA ASP A 412 4.40 -11.85 3.41
C ASP A 412 3.84 -12.43 2.11
N ASN A 413 2.53 -12.65 2.04
CA ASN A 413 1.89 -13.09 0.81
C ASN A 413 2.20 -12.18 -0.36
N SER A 414 2.46 -10.90 -0.09
CA SER A 414 2.70 -9.91 -1.13
C SER A 414 4.17 -9.63 -1.34
N ARG A 415 5.04 -10.35 -0.64
CA ARG A 415 6.47 -10.07 -0.67
C ARG A 415 7.28 -11.19 -1.31
N THR A 416 6.63 -12.18 -1.91
CA THR A 416 7.39 -13.20 -2.62
C THR A 416 7.96 -12.61 -3.92
N PRO A 417 9.07 -13.15 -4.42
CA PRO A 417 9.73 -12.58 -5.61
C PRO A 417 8.80 -12.35 -6.79
N MET A 418 8.99 -11.20 -7.44
CA MET A 418 8.31 -10.89 -8.68
C MET A 418 8.56 -11.98 -9.70
N GLN A 419 7.54 -12.36 -10.45
CA GLN A 419 7.59 -13.57 -11.28
C GLN A 419 7.78 -13.18 -12.75
N TRP A 420 9.04 -13.17 -13.17
CA TRP A 420 9.44 -12.66 -14.48
C TRP A 420 9.32 -13.70 -15.60
N ASN A 421 9.67 -14.95 -15.34
CA ASN A 421 9.64 -15.99 -16.36
C ASN A 421 9.61 -17.35 -15.66
N THR A 422 9.83 -18.43 -16.42
CA THR A 422 9.83 -19.77 -15.87
C THR A 422 11.22 -20.31 -15.59
N GLU A 423 12.25 -19.46 -15.63
CA GLU A 423 13.59 -19.91 -15.28
C GLU A 423 13.72 -20.03 -13.76
N LYS A 424 14.89 -20.44 -13.30
CA LYS A 424 15.13 -20.62 -11.87
C LYS A 424 14.72 -19.36 -11.11
N ASN A 425 13.95 -19.56 -10.03
CA ASN A 425 13.48 -18.46 -9.17
C ASN A 425 12.60 -17.48 -9.93
N ALA A 426 11.93 -17.94 -10.97
CA ALA A 426 11.12 -17.09 -11.86
C ALA A 426 11.94 -15.97 -12.48
N GLY A 427 13.26 -16.14 -12.57
CA GLY A 427 14.12 -15.11 -13.12
C GLY A 427 14.36 -13.93 -12.22
N PHE A 428 13.88 -14.00 -10.98
CA PHE A 428 14.13 -12.94 -10.00
C PHE A 428 15.59 -12.93 -9.54
N SER A 429 16.24 -14.10 -9.48
CA SER A 429 17.58 -14.17 -8.92
C SER A 429 18.29 -15.44 -9.39
N THR A 430 19.61 -15.35 -9.55
CA THR A 430 20.39 -16.55 -9.76
C THR A 430 20.74 -17.28 -8.47
N GLY A 431 20.54 -16.63 -7.32
CA GLY A 431 20.89 -17.16 -6.02
C GLY A 431 19.69 -17.75 -5.32
N ASN A 432 19.77 -17.80 -3.99
CA ASN A 432 18.69 -18.34 -3.20
C ASN A 432 17.87 -17.17 -2.67
N PRO A 433 16.63 -16.99 -3.12
CA PRO A 433 15.89 -15.77 -2.77
C PRO A 433 15.67 -15.64 -1.27
N TRP A 434 15.72 -14.38 -0.80
CA TRP A 434 15.54 -14.09 0.62
C TRP A 434 14.17 -14.55 1.10
N MET A 435 13.20 -14.59 0.20
CA MET A 435 11.87 -15.12 0.44
C MET A 435 11.57 -16.05 -0.74
N LYS A 436 11.02 -17.23 -0.45
CA LYS A 436 10.83 -18.22 -1.49
C LYS A 436 9.85 -17.74 -2.56
N VAL A 437 10.12 -18.13 -3.81
CA VAL A 437 9.20 -17.85 -4.92
C VAL A 437 7.93 -18.69 -4.75
N ASN A 438 6.80 -18.12 -5.15
CA ASN A 438 5.58 -18.90 -5.22
C ASN A 438 5.72 -19.98 -6.29
N PRO A 439 5.52 -21.25 -5.97
CA PRO A 439 5.68 -22.30 -7.00
C PRO A 439 4.83 -22.09 -8.24
N ASN A 440 3.73 -21.32 -8.15
CA ASN A 440 2.92 -21.09 -9.34
C ASN A 440 3.58 -20.15 -10.34
N TYR A 441 4.82 -19.71 -10.14
CA TYR A 441 5.51 -18.95 -11.19
C TYR A 441 5.59 -19.74 -12.49
N VAL A 442 5.53 -21.07 -12.46
CA VAL A 442 5.55 -21.82 -13.70
C VAL A 442 4.33 -21.53 -14.57
N ASP A 443 3.25 -21.02 -13.96
CA ASP A 443 2.01 -20.65 -14.65
C ASP A 443 1.78 -19.15 -14.73
N ILE A 444 2.33 -18.39 -13.78
CA ILE A 444 2.05 -16.96 -13.62
C ILE A 444 3.37 -16.22 -13.76
N ASN A 445 3.61 -15.56 -14.90
CA ASN A 445 4.87 -14.86 -15.05
C ASN A 445 4.78 -13.88 -16.20
N VAL A 446 5.67 -12.88 -16.16
CA VAL A 446 5.64 -11.76 -17.11
C VAL A 446 5.82 -12.27 -18.54
N GLU A 447 6.85 -13.09 -18.77
CA GLU A 447 7.15 -13.58 -20.10
C GLU A 447 5.94 -14.21 -20.77
N GLU A 448 5.23 -15.08 -20.04
CA GLU A 448 4.07 -15.74 -20.62
C GLU A 448 2.97 -14.72 -20.92
N GLN A 449 2.80 -13.74 -20.05
CA GLN A 449 1.67 -12.83 -20.19
C GLN A 449 1.90 -11.80 -21.28
N LYS A 450 3.15 -11.45 -21.58
CA LYS A 450 3.41 -10.50 -22.66
C LYS A 450 2.87 -11.01 -23.98
N SER A 451 3.00 -12.31 -24.23
CA SER A 451 2.66 -12.87 -25.54
C SER A 451 1.21 -13.31 -25.65
N ASP A 452 0.47 -13.31 -24.54
CA ASP A 452 -0.93 -13.68 -24.51
C ASP A 452 -1.76 -12.40 -24.51
N LYS A 453 -2.43 -12.11 -25.63
CA LYS A 453 -3.21 -10.88 -25.72
C LYS A 453 -4.31 -10.80 -24.68
N ASN A 454 -4.69 -11.93 -24.08
CA ASN A 454 -5.76 -11.97 -23.09
C ASN A 454 -5.20 -12.16 -21.68
N SER A 455 -3.93 -11.86 -21.47
CA SER A 455 -3.35 -11.97 -20.15
C SER A 455 -3.83 -10.86 -19.22
N VAL A 456 -3.66 -11.10 -17.91
CA VAL A 456 -3.90 -10.06 -16.92
C VAL A 456 -3.01 -8.85 -17.20
N LEU A 457 -1.74 -9.09 -17.53
CA LEU A 457 -0.84 -7.98 -17.81
C LEU A 457 -1.35 -7.12 -18.95
N ASN A 458 -1.78 -7.74 -20.05
CA ASN A 458 -2.24 -6.94 -21.17
C ASN A 458 -3.60 -6.31 -20.90
N PHE A 459 -4.36 -6.85 -19.95
CA PHE A 459 -5.57 -6.17 -19.50
C PHE A 459 -5.23 -4.89 -18.76
N TYR A 460 -4.26 -4.93 -17.85
CA TYR A 460 -3.81 -3.69 -17.20
C TYR A 460 -3.27 -2.70 -18.22
N LYS A 461 -2.53 -3.19 -19.21
CA LYS A 461 -2.03 -2.29 -20.26
C LYS A 461 -3.18 -1.56 -20.95
N GLN A 462 -4.26 -2.28 -21.23
CA GLN A 462 -5.43 -1.67 -21.87
C GLN A 462 -6.13 -0.69 -20.93
N LEU A 463 -6.23 -1.03 -19.64
CA LEU A 463 -6.87 -0.14 -18.68
C LEU A 463 -6.14 1.19 -18.61
N ILE A 464 -4.81 1.14 -18.58
CA ILE A 464 -4.00 2.35 -18.52
C ILE A 464 -4.26 3.18 -19.76
N LYS A 465 -4.34 2.51 -20.91
CA LYS A 465 -4.52 3.18 -22.19
C LYS A 465 -5.87 3.88 -22.28
N ILE A 466 -6.97 3.18 -21.94
CA ILE A 466 -8.27 3.82 -22.07
C ILE A 466 -8.43 4.95 -21.06
N ARG A 467 -7.82 4.85 -19.87
CA ARG A 467 -7.88 5.95 -18.92
C ARG A 467 -7.14 7.17 -19.47
N LYS A 468 -6.02 6.94 -20.14
CA LYS A 468 -5.27 8.06 -20.73
C LYS A 468 -6.01 8.69 -21.90
N GLN A 469 -6.80 7.89 -22.64
CA GLN A 469 -7.41 8.35 -23.88
C GLN A 469 -8.78 8.98 -23.70
N HIS A 470 -9.41 8.82 -22.54
CA HIS A 470 -10.77 9.26 -22.31
C HIS A 470 -10.82 10.04 -21.01
N ASP A 471 -10.97 11.36 -21.11
CA ASP A 471 -10.91 12.21 -19.93
C ASP A 471 -12.00 11.86 -18.92
N VAL A 472 -13.12 11.30 -19.38
CA VAL A 472 -14.20 10.94 -18.46
C VAL A 472 -13.72 9.93 -17.43
N LEU A 473 -12.71 9.11 -17.77
CA LEU A 473 -12.23 8.11 -16.84
C LEU A 473 -11.25 8.70 -15.82
N VAL A 474 -10.79 9.92 -16.01
CA VAL A 474 -10.00 10.61 -15.00
C VAL A 474 -10.88 11.55 -14.18
N TYR A 475 -11.60 12.46 -14.83
CA TYR A 475 -12.29 13.54 -14.14
C TYR A 475 -13.81 13.35 -14.04
N GLY A 476 -14.35 12.26 -14.59
CA GLY A 476 -15.79 12.06 -14.56
C GLY A 476 -16.31 11.79 -13.16
N THR A 477 -17.52 12.27 -12.90
CA THR A 477 -18.19 12.04 -11.63
C THR A 477 -18.62 10.58 -11.51
N TYR A 478 -18.42 10.00 -10.33
CA TYR A 478 -18.78 8.62 -10.04
C TYR A 478 -20.22 8.53 -9.54
N LYS A 479 -20.93 7.51 -10.00
CA LYS A 479 -22.26 7.19 -9.48
C LYS A 479 -22.43 5.69 -9.44
N LEU A 480 -22.87 5.18 -8.30
CA LEU A 480 -23.13 3.76 -8.13
C LEU A 480 -24.45 3.38 -8.76
N LEU A 481 -24.45 2.28 -9.52
CA LEU A 481 -25.67 1.71 -10.07
C LEU A 481 -25.98 0.40 -9.37
N ALA A 482 -27.25 -0.01 -9.42
CA ALA A 482 -27.65 -1.34 -9.00
C ALA A 482 -27.13 -1.69 -7.62
N GLU A 483 -27.34 -0.76 -6.67
CA GLU A 483 -26.75 -0.93 -5.34
C GLU A 483 -27.15 -2.26 -4.69
N GLU A 484 -28.41 -2.68 -4.87
CA GLU A 484 -28.89 -3.86 -4.15
C GLU A 484 -28.45 -5.18 -4.77
N ASP A 485 -27.84 -5.17 -5.94
CA ASP A 485 -27.40 -6.42 -6.57
C ASP A 485 -26.19 -6.98 -5.83
N SER A 486 -26.35 -8.17 -5.25
CA SER A 486 -25.27 -8.73 -4.43
C SER A 486 -24.14 -9.32 -5.26
N ALA A 487 -24.30 -9.41 -6.59
CA ALA A 487 -23.24 -9.93 -7.46
C ALA A 487 -22.62 -8.90 -8.39
N ILE A 488 -23.37 -7.91 -8.84
CA ILE A 488 -22.90 -6.97 -9.85
C ILE A 488 -22.51 -5.68 -9.15
N TYR A 489 -21.25 -5.27 -9.33
CA TYR A 489 -20.82 -3.93 -8.97
C TYR A 489 -20.75 -3.13 -10.27
N ALA A 490 -21.67 -2.19 -10.44
CA ALA A 490 -21.73 -1.37 -11.63
C ALA A 490 -21.72 0.10 -11.22
N TYR A 491 -21.07 0.93 -12.03
CA TYR A 491 -21.02 2.35 -11.75
C TYR A 491 -20.74 3.12 -13.03
N THR A 492 -21.06 4.41 -12.99
CA THR A 492 -20.83 5.29 -14.13
C THR A 492 -19.80 6.36 -13.78
N ARG A 493 -19.14 6.83 -14.84
CA ARG A 493 -18.30 8.03 -14.80
C ARG A 493 -18.86 8.98 -15.85
N THR A 494 -19.18 10.20 -15.45
CA THR A 494 -19.87 11.14 -16.33
C THR A 494 -19.09 12.44 -16.43
N LEU A 495 -18.85 12.88 -17.66
CA LEU A 495 -18.13 14.13 -17.89
C LEU A 495 -18.63 14.72 -19.20
N GLU A 496 -19.34 15.85 -19.10
CA GLU A 496 -19.89 16.54 -20.28
C GLU A 496 -20.83 15.55 -20.98
N GLY A 497 -20.65 15.28 -22.27
CA GLY A 497 -21.54 14.41 -22.98
C GLY A 497 -21.00 13.00 -23.12
N LYS A 498 -20.13 12.59 -22.21
CA LYS A 498 -19.61 11.23 -22.21
C LYS A 498 -19.93 10.57 -20.88
N THR A 499 -20.45 9.35 -20.95
CA THR A 499 -20.68 8.52 -19.77
C THR A 499 -20.03 7.18 -20.00
N ALA A 500 -19.13 6.78 -19.09
CA ALA A 500 -18.59 5.42 -19.09
C ALA A 500 -19.40 4.58 -18.12
N VAL A 501 -19.76 3.38 -18.55
CA VAL A 501 -20.47 2.42 -17.71
C VAL A 501 -19.52 1.26 -17.42
N VAL A 502 -19.17 1.09 -16.15
CA VAL A 502 -18.29 0.02 -15.71
C VAL A 502 -19.15 -1.05 -15.06
N ILE A 503 -19.11 -2.27 -15.61
CA ILE A 503 -19.93 -3.38 -15.13
C ILE A 503 -18.99 -4.49 -14.73
N CYS A 504 -19.07 -4.92 -13.47
CA CYS A 504 -18.21 -5.97 -12.94
C CYS A 504 -19.05 -7.04 -12.27
N ASN A 505 -19.05 -8.24 -12.84
CA ASN A 505 -19.72 -9.35 -12.16
C ASN A 505 -18.79 -9.89 -11.08
N MET A 506 -18.91 -9.35 -9.88
CA MET A 506 -18.08 -9.75 -8.75
C MET A 506 -18.65 -10.99 -8.07
N SER A 507 -18.68 -12.08 -8.83
CA SER A 507 -19.19 -13.34 -8.31
C SER A 507 -18.63 -14.46 -9.16
N PRO A 508 -18.50 -15.68 -8.61
CA PRO A 508 -17.94 -16.79 -9.39
C PRO A 508 -19.00 -17.51 -10.22
N ASN A 509 -20.05 -16.80 -10.61
CA ASN A 509 -21.16 -17.41 -11.31
C ASN A 509 -21.63 -16.54 -12.46
N ASN A 510 -22.19 -17.20 -13.47
CA ASN A 510 -22.98 -16.49 -14.47
C ASN A 510 -24.06 -15.67 -13.77
N GLN A 511 -24.34 -14.49 -14.34
CA GLN A 511 -25.38 -13.63 -13.81
C GLN A 511 -26.06 -12.90 -14.96
N THR A 512 -27.32 -12.56 -14.77
CA THR A 512 -28.02 -11.68 -15.67
C THR A 512 -28.03 -10.28 -15.07
N PHE A 513 -28.10 -9.28 -15.94
CA PHE A 513 -28.04 -7.88 -15.50
C PHE A 513 -28.65 -7.03 -16.60
N GLU A 514 -29.62 -6.20 -16.24
CA GLU A 514 -30.17 -5.28 -17.21
C GLU A 514 -29.21 -4.12 -17.40
N PHE A 515 -28.87 -3.83 -18.64
CA PHE A 515 -28.04 -2.68 -18.90
C PHE A 515 -28.68 -1.45 -18.25
N PRO A 516 -27.98 -0.77 -17.36
CA PRO A 516 -28.53 0.46 -16.77
C PRO A 516 -28.33 1.61 -17.72
N SER A 517 -29.27 1.77 -18.64
CA SER A 517 -29.10 2.61 -19.82
C SER A 517 -29.09 4.10 -19.47
N SER A 520 -30.95 7.17 -24.61
CA SER A 520 -30.14 8.21 -24.01
C SER A 520 -28.69 8.21 -24.52
N PHE A 521 -28.41 7.51 -25.62
CA PHE A 521 -27.10 7.67 -26.23
C PHE A 521 -27.20 7.68 -27.75
N THR A 522 -26.37 8.53 -28.36
CA THR A 522 -26.21 8.55 -29.80
C THR A 522 -25.15 7.58 -30.28
N ASN A 523 -24.28 7.12 -29.39
CA ASN A 523 -23.20 6.20 -29.74
C ASN A 523 -22.85 5.37 -28.51
N ILE A 524 -22.49 4.12 -28.75
CA ILE A 524 -22.00 3.22 -27.70
C ILE A 524 -20.78 2.48 -28.25
N GLU A 525 -19.78 2.31 -27.40
CA GLU A 525 -18.54 1.65 -27.78
C GLU A 525 -18.05 0.85 -26.58
N VAL A 526 -17.60 -0.39 -26.80
CA VAL A 526 -17.01 -1.19 -25.73
C VAL A 526 -15.52 -0.86 -25.64
N LEU A 527 -15.10 -0.31 -24.49
CA LEU A 527 -13.71 0.10 -24.32
C LEU A 527 -12.82 -1.07 -23.90
N ILE A 528 -13.34 -1.99 -23.09
CA ILE A 528 -12.55 -3.12 -22.61
C ILE A 528 -13.52 -4.21 -22.18
N HIS A 529 -13.08 -5.46 -22.29
CA HIS A 529 -13.89 -6.60 -21.86
C HIS A 529 -12.97 -7.79 -21.64
N ASN A 530 -13.21 -8.59 -20.59
CA ASN A 530 -12.33 -9.72 -20.33
C ASN A 530 -12.86 -11.04 -20.86
N TYR A 531 -14.06 -11.07 -21.43
CA TYR A 531 -14.55 -12.25 -22.11
C TYR A 531 -14.87 -11.93 -23.56
N PRO A 532 -14.72 -12.88 -24.47
CA PRO A 532 -15.17 -12.66 -25.85
C PRO A 532 -16.64 -12.23 -25.86
N LEU A 533 -16.98 -11.36 -26.81
CA LEU A 533 -18.35 -10.89 -26.89
C LEU A 533 -19.23 -11.91 -27.60
N ASP A 534 -20.43 -12.12 -27.07
CA ASP A 534 -21.37 -13.12 -27.60
C ASP A 534 -22.20 -12.47 -28.70
N LYS A 535 -22.16 -13.07 -29.90
CA LYS A 535 -22.71 -12.40 -31.08
C LYS A 535 -24.21 -12.15 -30.94
N ASN A 536 -24.97 -13.10 -30.40
CA ASN A 536 -26.41 -12.93 -30.29
C ASN A 536 -26.84 -12.10 -29.10
N GLU A 537 -25.94 -11.84 -28.14
CA GLU A 537 -26.35 -11.20 -26.90
C GLU A 537 -26.83 -9.78 -27.17
N THR A 538 -27.96 -9.42 -26.55
CA THR A 538 -28.50 -8.08 -26.69
C THR A 538 -27.89 -7.18 -25.63
N LEU A 539 -27.77 -5.89 -25.97
CA LEU A 539 -27.20 -4.94 -25.01
C LEU A 539 -28.01 -4.89 -23.74
N GLU A 540 -29.35 -4.91 -23.85
CA GLU A 540 -30.23 -4.68 -22.72
C GLU A 540 -30.14 -5.80 -21.69
N GLN A 541 -29.97 -7.03 -22.14
CA GLN A 541 -29.97 -8.18 -21.25
C GLN A 541 -28.55 -8.76 -21.23
N CYS A 542 -27.74 -8.26 -20.31
CA CYS A 542 -26.40 -8.79 -20.14
C CYS A 542 -26.48 -10.19 -19.56
N THR A 543 -25.78 -11.12 -20.18
CA THR A 543 -25.55 -12.45 -19.64
C THR A 543 -24.05 -12.50 -19.38
N LEU A 544 -23.67 -12.28 -18.13
CA LEU A 544 -22.27 -12.11 -17.75
C LEU A 544 -21.71 -13.41 -17.19
N HIS A 545 -20.51 -13.75 -17.63
CA HIS A 545 -19.80 -14.92 -17.13
C HIS A 545 -19.17 -14.62 -15.77
N PRO A 546 -18.70 -15.64 -15.05
CA PRO A 546 -18.06 -15.40 -13.76
C PRO A 546 -16.94 -14.37 -13.87
N TYR A 547 -17.03 -13.34 -13.05
CA TYR A 547 -16.03 -12.28 -13.01
C TYR A 547 -15.86 -11.60 -14.37
N GLU A 548 -16.92 -11.59 -15.18
CA GLU A 548 -16.89 -10.82 -16.41
C GLU A 548 -17.00 -9.34 -16.10
N THR A 549 -16.17 -8.54 -16.77
CA THR A 549 -16.27 -7.10 -16.70
C THR A 549 -16.36 -6.52 -18.11
N ARG A 550 -17.12 -5.44 -18.24
CA ARG A 550 -17.21 -4.67 -19.48
C ARG A 550 -17.20 -3.21 -19.12
N VAL A 551 -16.60 -2.39 -19.99
CA VAL A 551 -16.69 -0.94 -19.88
C VAL A 551 -17.25 -0.40 -21.19
N TYR A 552 -18.41 0.25 -21.13
CA TYR A 552 -19.03 0.86 -22.29
C TYR A 552 -18.81 2.37 -22.23
N LEU A 553 -18.62 2.99 -23.39
CA LEU A 553 -18.55 4.44 -23.46
C LEU A 553 -19.73 4.97 -24.24
N ILE A 554 -20.55 5.79 -23.59
CA ILE A 554 -21.82 6.29 -24.11
C ILE A 554 -21.64 7.75 -24.50
N SER A 555 -22.11 8.12 -25.69
CA SER A 555 -22.12 9.53 -26.08
C SER A 555 -23.52 10.10 -25.86
#